data_5WOP
#
_entry.id   5WOP
#
_cell.length_a   36.863
_cell.length_b   72.429
_cell.length_c   61.316
_cell.angle_alpha   90.000
_cell.angle_beta   103.180
_cell.angle_gamma   90.000
#
_symmetry.space_group_name_H-M   'P 1 21 1'
#
loop_
_entity.id
_entity.type
_entity.pdbx_description
1 polymer 'Polymerase PB2'
2 non-polymer GLYCEROL
3 water water
#
_entity_poly.entity_id   1
_entity_poly.type   'polypeptide(L)'
_entity_poly.pdbx_seq_one_letter_code
;SSFSFGGFTFKRTSGSSVKKEEEVLTGNLQTLKIRVHEGYEEFTMVGRRATAILRKATRRLIQLIVSGRDEQSIAEAIIV
AMVFSQEDCMIKAVRGDLNFGSGLNPMHQLLRHFQKDAKVLFQNWGIESIDNVMGMIGILPDMTPSTEMSLRGIRVSKM
;
_entity_poly.pdbx_strand_id   A,B
#
loop_
_chem_comp.id
_chem_comp.type
_chem_comp.name
_chem_comp.formula
GOL non-polymer GLYCEROL 'C3 H8 O3'
#
# COMPACT_ATOMS: atom_id res chain seq x y z
N SER A 1 -9.15 21.22 12.21
CA SER A 1 -8.71 20.71 13.57
C SER A 1 -8.40 19.13 13.53
N SER A 2 -9.39 18.34 13.07
CA SER A 2 -9.13 16.94 12.59
C SER A 2 -9.63 16.73 11.15
N PHE A 3 -8.82 16.14 10.28
CA PHE A 3 -9.20 15.86 8.89
C PHE A 3 -8.40 14.66 8.42
N SER A 4 -8.83 14.05 7.32
CA SER A 4 -8.16 12.86 6.76
C SER A 4 -7.50 13.27 5.47
N PHE A 5 -6.31 12.73 5.23
CA PHE A 5 -5.61 12.96 3.97
C PHE A 5 -4.73 11.76 3.73
N GLY A 6 -4.81 11.21 2.51
CA GLY A 6 -3.99 10.00 2.16
C GLY A 6 -4.19 8.81 3.10
N GLY A 7 -5.39 8.67 3.70
CA GLY A 7 -5.61 7.52 4.55
C GLY A 7 -5.16 7.74 5.99
N PHE A 8 -4.63 8.93 6.29
CA PHE A 8 -4.24 9.21 7.70
C PHE A 8 -5.17 10.25 8.26
N THR A 9 -5.49 10.08 9.53
CA THR A 9 -6.16 11.08 10.26
C THR A 9 -5.17 12.12 10.83
N PHE A 10 -5.30 13.36 10.45
CA PHE A 10 -4.46 14.44 10.97
C PHE A 10 -5.17 15.16 12.10
N LYS A 11 -4.52 15.17 13.27
CA LYS A 11 -4.99 15.95 14.42
C LYS A 11 -4.01 17.11 14.68
N ARG A 12 -4.46 18.35 14.58
CA ARG A 12 -3.60 19.47 14.88
C ARG A 12 -3.40 19.60 16.40
N THR A 13 -2.14 19.52 16.85
CA THR A 13 -1.82 19.69 18.23
C THR A 13 -1.25 21.08 18.59
N SER A 14 -0.89 21.84 17.61
CA SER A 14 -0.37 23.19 17.85
C SER A 14 -0.40 23.96 16.51
N GLY A 15 -0.44 25.29 16.63
CA GLY A 15 -0.46 26.20 15.52
C GLY A 15 -1.80 26.44 14.88
N SER A 16 -1.73 26.96 13.64
CA SER A 16 -2.95 27.27 12.85
C SER A 16 -2.44 27.55 11.45
N SER A 17 -3.36 27.47 10.50
CA SER A 17 -3.11 27.89 9.16
C SER A 17 -4.33 28.51 8.54
N VAL A 18 -4.11 29.26 7.45
CA VAL A 18 -5.16 29.69 6.54
C VAL A 18 -4.90 29.12 5.18
N LYS A 19 -5.96 29.00 4.40
CA LYS A 19 -5.83 28.48 3.08
C LYS A 19 -5.88 29.55 2.05
N LYS A 20 -4.91 29.52 1.11
CA LYS A 20 -4.75 30.49 0.03
C LYS A 20 -4.58 29.76 -1.29
N GLU A 21 -5.38 30.14 -2.29
CA GLU A 21 -5.26 29.57 -3.64
C GLU A 21 -4.03 30.11 -4.33
N GLU A 22 -3.17 29.23 -4.83
CA GLU A 22 -1.89 29.61 -5.47
C GLU A 22 -1.73 28.68 -6.67
N GLU A 23 -1.30 29.21 -7.80
CA GLU A 23 -0.92 28.37 -8.86
C GLU A 23 0.56 27.96 -8.69
N VAL A 24 0.84 26.70 -8.96
CA VAL A 24 2.23 26.14 -8.97
C VAL A 24 2.43 25.37 -10.28
N LEU A 25 3.69 25.27 -10.65
CA LEU A 25 4.12 24.57 -11.86
C LEU A 25 4.79 23.30 -11.45
N THR A 26 4.27 22.19 -11.94
CA THR A 26 4.85 20.87 -11.68
C THR A 26 6.18 20.71 -12.41
N GLY A 27 6.86 19.59 -12.15
CA GLY A 27 8.03 19.18 -12.92
C GLY A 27 7.85 18.98 -14.39
N ASN A 28 6.61 18.82 -14.78
CA ASN A 28 6.24 18.80 -16.19
C ASN A 28 5.64 20.05 -16.71
N LEU A 29 5.83 21.14 -16.01
CA LEU A 29 5.27 22.43 -16.39
C LEU A 29 3.75 22.45 -16.54
N GLN A 30 3.10 21.57 -15.76
CA GLN A 30 1.63 21.64 -15.66
C GLN A 30 1.28 22.63 -14.60
N THR A 31 0.29 23.45 -14.84
CA THR A 31 -0.12 24.43 -13.80
C THR A 31 -1.23 23.77 -12.93
N LEU A 32 -1.05 23.72 -11.60
CA LEU A 32 -2.12 23.26 -10.61
C LEU A 32 -2.52 24.43 -9.77
N LYS A 33 -3.82 24.52 -9.46
CA LYS A 33 -4.30 25.49 -8.48
C LYS A 33 -4.41 24.76 -7.18
N ILE A 34 -3.51 24.99 -6.28
CA ILE A 34 -3.52 24.25 -4.98
C ILE A 34 -3.95 25.20 -3.87
N ARG A 35 -4.58 24.63 -2.87
CA ARG A 35 -4.92 25.45 -1.68
C ARG A 35 -3.75 25.33 -0.72
N VAL A 36 -2.95 26.39 -0.66
CA VAL A 36 -1.74 26.37 0.12
C VAL A 36 -2.10 26.64 1.56
N HIS A 37 -1.59 25.82 2.47
CA HIS A 37 -1.75 26.08 3.94
C HIS A 37 -0.62 27.05 4.39
N GLU A 38 -0.95 28.25 4.84
CA GLU A 38 0.04 29.24 5.33
C GLU A 38 -0.05 29.30 6.84
N GLY A 39 1.09 29.01 7.41
CA GLY A 39 1.24 29.08 8.89
C GLY A 39 2.11 27.91 9.40
N TYR A 40 2.42 27.96 10.68
CA TYR A 40 3.14 26.93 11.43
C TYR A 40 2.14 26.05 12.14
N GLU A 41 2.30 24.71 11.91
CA GLU A 41 1.38 23.78 12.46
C GLU A 41 2.12 22.48 12.90
N GLU A 42 1.60 21.89 13.95
CA GLU A 42 2.07 20.55 14.41
C GLU A 42 0.84 19.60 14.36
N PHE A 43 1.08 18.39 13.88
CA PHE A 43 0.05 17.42 13.68
C PHE A 43 0.48 16.03 14.12
N THR A 44 -0.44 15.27 14.73
CA THR A 44 -0.30 13.84 14.76
C THR A 44 -1.01 13.23 13.54
N MET A 45 -0.35 12.30 12.84
CA MET A 45 -0.97 11.52 11.76
C MET A 45 -1.16 10.10 12.22
N VAL A 46 -2.41 9.65 12.15
CA VAL A 46 -2.72 8.33 12.58
C VAL A 46 -3.34 7.54 11.42
N GLY A 47 -2.67 6.50 11.03
CA GLY A 47 -3.11 5.54 10.08
C GLY A 47 -3.29 4.19 10.72
N ARG A 48 -3.81 3.25 9.95
CA ARG A 48 -3.98 1.89 10.49
C ARG A 48 -2.66 1.10 10.68
N ARG A 49 -1.60 1.47 9.95
CA ARG A 49 -0.36 0.79 10.10
C ARG A 49 0.86 1.63 10.44
N ALA A 50 0.62 2.89 10.64
CA ALA A 50 1.70 3.86 10.98
C ALA A 50 1.12 5.07 11.66
N THR A 51 1.94 5.69 12.51
CA THR A 51 1.65 6.93 13.15
C THR A 51 2.80 7.84 12.92
N ALA A 52 2.55 9.12 12.87
CA ALA A 52 3.66 10.07 12.68
C ALA A 52 3.35 11.34 13.37
N ILE A 53 4.43 12.07 13.66
CA ILE A 53 4.29 13.49 14.11
C ILE A 53 4.91 14.36 13.05
N LEU A 54 4.24 15.45 12.71
CA LEU A 54 4.71 16.35 11.66
C LEU A 54 4.72 17.72 12.23
N ARG A 55 5.80 18.46 11.96
CA ARG A 55 5.84 19.91 12.20
C ARG A 55 6.14 20.54 10.85
N LYS A 56 5.39 21.57 10.49
CA LYS A 56 5.59 22.17 9.15
C LYS A 56 5.25 23.67 9.22
N ALA A 57 5.75 24.35 8.24
CA ALA A 57 5.44 25.76 8.03
C ALA A 57 4.96 25.88 6.58
N THR A 58 4.70 27.10 6.10
CA THR A 58 4.25 27.31 4.73
C THR A 58 5.15 26.63 3.70
N ARG A 59 4.58 25.65 3.00
CA ARG A 59 5.36 24.89 1.97
C ARG A 59 6.74 24.35 2.47
N ARG A 60 6.79 23.98 3.76
CA ARG A 60 8.08 23.55 4.32
C ARG A 60 7.84 22.49 5.41
N LEU A 61 8.34 21.28 5.11
CA LEU A 61 8.33 20.23 6.16
C LEU A 61 9.48 20.50 7.09
N ILE A 62 9.21 20.64 8.36
CA ILE A 62 10.30 20.89 9.35
C ILE A 62 10.76 19.63 10.04
N GLN A 63 9.78 18.86 10.53
CA GLN A 63 10.09 17.59 11.15
C GLN A 63 9.02 16.56 10.85
N LEU A 64 9.47 15.34 10.61
CA LEU A 64 8.54 14.16 10.58
C LEU A 64 9.20 13.02 11.33
N ILE A 65 8.47 12.47 12.31
CA ILE A 65 8.87 11.20 12.90
C ILE A 65 7.82 10.16 12.55
N VAL A 66 8.20 9.02 12.03
CA VAL A 66 7.26 7.93 11.64
C VAL A 66 7.52 6.70 12.46
N SER A 67 6.47 6.12 13.03
CA SER A 67 6.48 4.79 13.59
C SER A 67 5.57 3.89 12.80
N GLY A 68 6.09 2.84 12.23
CA GLY A 68 5.27 2.00 11.34
C GLY A 68 5.49 0.54 11.52
N ARG A 69 4.54 -0.27 11.03
CA ARG A 69 4.61 -1.70 11.24
C ARG A 69 5.64 -2.39 10.41
N ASP A 70 5.95 -1.82 9.24
CA ASP A 70 6.87 -2.38 8.24
C ASP A 70 7.34 -1.27 7.34
N GLU A 71 8.22 -1.61 6.44
CA GLU A 71 8.85 -0.68 5.60
C GLU A 71 7.85 0.02 4.63
N GLN A 72 6.91 -0.74 4.11
CA GLN A 72 6.01 -0.19 3.20
C GLN A 72 5.04 0.80 3.90
N SER A 73 4.68 0.51 5.16
CA SER A 73 3.78 1.31 6.01
C SER A 73 4.46 2.66 6.25
N ILE A 74 5.73 2.58 6.47
CA ILE A 74 6.55 3.79 6.76
C ILE A 74 6.63 4.64 5.51
N ALA A 75 7.07 4.01 4.39
CA ALA A 75 7.08 4.76 3.13
C ALA A 75 5.77 5.44 2.83
N GLU A 76 4.67 4.76 3.08
CA GLU A 76 3.30 5.40 2.76
C GLU A 76 3.14 6.70 3.57
N ALA A 77 3.47 6.65 4.84
CA ALA A 77 3.34 7.83 5.64
C ALA A 77 4.23 8.95 5.18
N ILE A 78 5.50 8.61 4.85
CA ILE A 78 6.44 9.61 4.38
C ILE A 78 5.91 10.25 3.12
N ILE A 79 5.41 9.47 2.18
CA ILE A 79 4.85 10.08 0.93
C ILE A 79 3.72 11.05 1.23
N VAL A 80 2.80 10.65 2.09
CA VAL A 80 1.68 11.50 2.46
C VAL A 80 2.18 12.81 3.07
N ALA A 81 3.14 12.71 4.02
CA ALA A 81 3.68 13.89 4.65
C ALA A 81 4.35 14.80 3.62
N MET A 82 5.17 14.22 2.75
CA MET A 82 5.89 15.01 1.75
C MET A 82 4.93 15.72 0.80
N VAL A 83 3.86 15.06 0.37
CA VAL A 83 2.85 15.74 -0.42
C VAL A 83 2.09 16.76 0.36
N PHE A 84 1.69 16.39 1.58
CA PHE A 84 0.99 17.37 2.38
C PHE A 84 1.83 18.62 2.68
N SER A 85 3.16 18.50 2.80
CA SER A 85 4.05 19.69 3.06
C SER A 85 3.96 20.77 1.99
N GLN A 86 3.48 20.37 0.81
CA GLN A 86 3.39 21.23 -0.44
C GLN A 86 4.77 21.78 -0.87
N GLU A 87 5.84 21.14 -0.44
CA GLU A 87 7.23 21.64 -0.76
C GLU A 87 7.39 21.73 -2.26
N ASP A 88 8.10 22.75 -2.69
CA ASP A 88 8.51 22.94 -4.09
C ASP A 88 9.22 21.69 -4.66
N CYS A 89 10.13 21.04 -3.90
CA CYS A 89 10.82 19.90 -4.42
C CYS A 89 9.90 18.74 -4.69
N MET A 90 8.76 18.68 -3.97
CA MET A 90 7.79 17.65 -4.27
C MET A 90 7.08 18.02 -5.61
N ILE A 91 6.61 19.22 -5.71
CA ILE A 91 5.91 19.71 -6.89
C ILE A 91 6.80 19.51 -8.11
N LYS A 92 8.07 19.81 -7.98
CA LYS A 92 8.98 19.62 -9.13
C LYS A 92 9.48 18.21 -9.41
N ALA A 93 9.17 17.27 -8.54
CA ALA A 93 9.44 15.88 -8.78
C ALA A 93 8.41 15.19 -9.56
N VAL A 94 7.29 15.82 -9.79
CA VAL A 94 6.27 15.24 -10.69
C VAL A 94 6.85 14.99 -12.08
N ARG A 95 6.55 13.82 -12.64
CA ARG A 95 6.99 13.46 -13.99
C ARG A 95 5.74 13.18 -14.78
N GLY A 96 5.67 13.64 -16.05
CA GLY A 96 4.47 13.53 -16.83
C GLY A 96 3.35 14.35 -16.29
N ASP A 97 2.16 14.22 -16.93
CA ASP A 97 1.03 15.01 -16.59
C ASP A 97 0.19 14.25 -15.59
N LEU A 98 -0.56 15.01 -14.79
CA LEU A 98 -1.54 14.47 -13.89
C LEU A 98 -2.92 14.65 -14.51
N ASN A 99 -3.73 13.58 -14.57
CA ASN A 99 -5.11 13.58 -15.17
C ASN A 99 -6.13 14.03 -14.09
N PHE A 100 -7.24 14.65 -14.52
CA PHE A 100 -8.02 15.64 -13.67
C PHE A 100 -9.45 15.27 -13.18
N GLY A 101 -9.60 14.11 -12.57
CA GLY A 101 -10.91 13.56 -12.19
C GLY A 101 -11.97 14.32 -11.32
N SER A 102 -13.24 13.94 -11.49
CA SER A 102 -14.31 14.25 -10.51
C SER A 102 -13.90 13.46 -9.24
N GLY A 103 -13.87 14.06 -8.09
CA GLY A 103 -13.35 13.34 -6.92
C GLY A 103 -11.89 13.63 -6.56
N LEU A 104 -11.15 14.26 -7.48
CA LEU A 104 -9.72 14.61 -7.29
C LEU A 104 -9.62 16.15 -7.31
N ASN A 105 -8.95 16.67 -6.32
CA ASN A 105 -8.39 17.99 -6.39
C ASN A 105 -6.86 17.77 -6.65
N PRO A 106 -6.14 18.88 -6.82
CA PRO A 106 -4.74 18.80 -7.15
C PRO A 106 -3.88 18.09 -6.09
N MET A 107 -4.23 18.29 -4.80
CA MET A 107 -3.51 17.57 -3.74
C MET A 107 -3.68 16.10 -3.80
N HIS A 108 -4.88 15.63 -4.13
CA HIS A 108 -4.98 14.18 -4.32
C HIS A 108 -4.39 13.67 -5.60
N GLN A 109 -4.41 14.48 -6.64
CA GLN A 109 -3.65 14.12 -7.88
C GLN A 109 -2.19 13.90 -7.58
N LEU A 110 -1.58 14.83 -6.86
CA LEU A 110 -0.16 14.72 -6.47
C LEU A 110 0.03 13.44 -5.70
N LEU A 111 -0.87 13.23 -4.72
CA LEU A 111 -0.66 12.03 -3.86
C LEU A 111 -0.72 10.70 -4.68
N ARG A 112 -1.71 10.57 -5.58
CA ARG A 112 -1.86 9.33 -6.35
C ARG A 112 -0.66 9.15 -7.22
N HIS A 113 -0.11 10.27 -7.71
CA HIS A 113 1.10 10.18 -8.58
C HIS A 113 2.30 9.58 -7.84
N PHE A 114 2.52 10.09 -6.65
CA PHE A 114 3.69 9.64 -5.89
C PHE A 114 3.52 8.29 -5.19
N GLN A 115 2.26 7.94 -4.90
CA GLN A 115 1.97 6.59 -4.43
C GLN A 115 2.24 5.58 -5.47
N LYS A 116 2.13 5.95 -6.73
CA LYS A 116 2.42 4.99 -7.78
C LYS A 116 3.91 4.68 -7.84
N ASP A 117 4.75 5.72 -7.64
CA ASP A 117 6.22 5.54 -7.71
C ASP A 117 6.86 6.83 -7.16
N ALA A 118 7.48 6.69 -5.99
CA ALA A 118 8.03 7.76 -5.25
C ALA A 118 9.55 7.92 -5.44
N LYS A 119 10.15 7.19 -6.39
CA LYS A 119 11.67 7.25 -6.53
C LYS A 119 12.16 8.71 -6.75
N VAL A 120 11.55 9.41 -7.73
CA VAL A 120 11.95 10.77 -8.02
C VAL A 120 11.71 11.71 -6.90
N LEU A 121 10.60 11.56 -6.18
CA LEU A 121 10.35 12.32 -4.98
C LEU A 121 11.46 12.15 -3.94
N PHE A 122 11.81 10.92 -3.69
CA PHE A 122 12.74 10.61 -2.64
C PHE A 122 14.12 11.07 -3.03
N GLN A 123 14.45 10.90 -4.33
CA GLN A 123 15.76 11.29 -4.87
C GLN A 123 15.99 12.77 -4.84
N ASN A 124 14.91 13.57 -4.87
CA ASN A 124 15.08 15.03 -4.94
C ASN A 124 14.78 15.75 -3.66
N TRP A 125 14.45 15.00 -2.58
CA TRP A 125 13.98 15.63 -1.35
C TRP A 125 15.17 16.28 -0.54
N GLY A 126 16.27 15.55 -0.57
CA GLY A 126 17.46 15.95 0.15
C GLY A 126 17.74 15.10 1.35
N ILE A 127 19.02 14.99 1.68
CA ILE A 127 19.49 14.19 2.80
C ILE A 127 20.41 15.00 3.70
N GLU A 128 20.57 14.52 4.92
CA GLU A 128 21.39 15.22 5.90
C GLU A 128 22.00 14.22 6.83
N SER A 129 23.07 14.60 7.47
CA SER A 129 23.58 13.85 8.59
C SER A 129 22.69 14.03 9.79
N ILE A 130 22.70 13.03 10.66
CA ILE A 130 21.85 13.02 11.88
C ILE A 130 22.69 12.75 13.09
N ASP A 131 22.12 13.10 14.22
CA ASP A 131 22.65 12.73 15.50
C ASP A 131 22.08 11.44 16.02
N ASN A 132 22.75 10.87 17.01
CA ASN A 132 22.27 9.64 17.62
C ASN A 132 21.28 10.02 18.68
N VAL A 133 20.06 9.62 18.43
CA VAL A 133 18.96 9.81 19.35
C VAL A 133 18.39 8.49 19.72
N MET A 134 18.34 8.26 21.03
CA MET A 134 17.84 6.94 21.53
C MET A 134 16.43 6.71 20.99
N GLY A 135 16.24 5.51 20.46
CA GLY A 135 14.99 5.04 19.89
C GLY A 135 14.66 5.47 18.46
N MET A 136 15.57 6.21 17.80
CA MET A 136 15.35 6.80 16.50
C MET A 136 16.44 6.33 15.50
N ILE A 137 16.10 6.27 14.24
CA ILE A 137 17.04 5.96 13.19
C ILE A 137 16.70 6.76 11.93
N GLY A 138 17.67 6.93 11.07
CA GLY A 138 17.42 7.60 9.81
C GLY A 138 16.82 6.63 8.72
N ILE A 139 16.29 7.21 7.59
CA ILE A 139 15.85 6.38 6.54
C ILE A 139 16.30 7.13 5.23
N LEU A 140 16.90 6.40 4.32
CA LEU A 140 17.51 6.94 3.14
C LEU A 140 16.47 7.00 2.00
N PRO A 141 16.87 7.66 0.89
CA PRO A 141 15.96 7.83 -0.21
C PRO A 141 15.55 6.45 -0.78
N ASP A 142 16.42 5.42 -0.62
CA ASP A 142 16.01 4.08 -1.03
C ASP A 142 15.21 3.24 -0.02
N MET A 143 14.83 3.88 1.09
CA MET A 143 14.02 3.36 2.12
C MET A 143 14.73 2.43 3.08
N THR A 144 16.03 2.34 2.94
CA THR A 144 16.83 1.58 3.89
C THR A 144 17.17 2.39 5.14
N PRO A 145 17.37 1.71 6.30
CA PRO A 145 17.77 2.43 7.43
C PRO A 145 19.25 2.87 7.49
N SER A 146 19.44 3.97 8.17
CA SER A 146 20.82 4.51 8.48
C SER A 146 20.90 5.14 9.84
N THR A 147 22.02 4.90 10.58
CA THR A 147 22.23 5.54 11.85
C THR A 147 22.99 6.87 11.67
N GLU A 148 23.38 7.18 10.40
CA GLU A 148 24.30 8.29 10.14
C GLU A 148 23.70 9.41 9.30
N MET A 149 22.81 9.03 8.38
CA MET A 149 22.20 10.01 7.50
C MET A 149 20.65 9.71 7.43
N SER A 150 19.89 10.66 6.89
CA SER A 150 18.46 10.45 6.61
C SER A 150 17.94 11.44 5.63
N LEU A 151 16.79 11.15 5.03
CA LEU A 151 16.00 12.17 4.34
C LEU A 151 15.83 13.41 5.23
N ARG A 152 16.00 14.59 4.65
CA ARG A 152 15.93 15.86 5.35
C ARG A 152 14.67 15.95 6.17
N GLY A 153 14.84 16.22 7.45
CA GLY A 153 13.78 16.48 8.36
C GLY A 153 13.02 15.21 8.82
N ILE A 154 13.36 14.01 8.35
CA ILE A 154 12.62 12.77 8.52
C ILE A 154 13.42 11.80 9.39
N ARG A 155 12.76 11.17 10.37
CA ARG A 155 13.34 10.12 11.20
C ARG A 155 12.31 9.01 11.41
N VAL A 156 12.78 7.81 11.74
CA VAL A 156 11.94 6.67 11.98
C VAL A 156 12.11 6.25 13.45
N SER A 157 11.01 6.00 14.15
CA SER A 157 11.06 5.43 15.50
C SER A 157 11.32 3.95 15.33
N LYS A 158 12.24 3.44 16.10
CA LYS A 158 12.45 1.99 16.10
C LYS A 158 11.26 1.21 16.70
N MET A 159 10.50 1.82 17.62
CA MET A 159 9.26 1.21 18.20
C MET A 159 7.99 1.55 17.32
CA SER B 1 -18.49 -7.79 7.48
C SER B 1 -18.38 -9.38 7.51
N SER B 2 -19.43 -10.10 7.07
CA SER B 2 -19.23 -11.48 6.55
C SER B 2 -19.65 -11.63 5.10
N PHE B 3 -18.87 -12.31 4.31
CA PHE B 3 -19.22 -12.57 2.88
C PHE B 3 -18.46 -13.76 2.40
N SER B 4 -18.85 -14.36 1.28
CA SER B 4 -18.21 -15.55 0.80
C SER B 4 -17.52 -15.18 -0.50
N PHE B 5 -16.30 -15.70 -0.75
CA PHE B 5 -15.64 -15.44 -2.01
C PHE B 5 -14.74 -16.66 -2.29
N GLY B 6 -14.87 -17.28 -3.46
CA GLY B 6 -14.00 -18.40 -3.79
C GLY B 6 -14.21 -19.63 -2.96
N GLY B 7 -15.40 -19.79 -2.34
CA GLY B 7 -15.62 -20.94 -1.45
C GLY B 7 -15.17 -20.77 -0.03
N PHE B 8 -14.63 -19.60 0.30
CA PHE B 8 -14.23 -19.24 1.68
C PHE B 8 -15.19 -18.17 2.25
N THR B 9 -15.58 -18.36 3.53
CA THR B 9 -16.21 -17.31 4.28
C THR B 9 -15.19 -16.34 4.81
N PHE B 10 -15.38 -15.04 4.55
CA PHE B 10 -14.49 -14.01 5.00
C PHE B 10 -15.17 -13.27 6.12
N LYS B 11 -14.51 -13.20 7.27
CA LYS B 11 -15.05 -12.45 8.41
C LYS B 11 -14.10 -11.31 8.69
N ARG B 12 -14.51 -10.05 8.58
CA ARG B 12 -13.56 -8.99 8.85
C ARG B 12 -13.32 -8.87 10.36
N THR B 13 -12.11 -8.86 10.84
CA THR B 13 -11.85 -8.73 12.26
C THR B 13 -11.20 -7.36 12.60
N SER B 14 -10.85 -6.58 11.60
CA SER B 14 -10.26 -5.27 11.84
C SER B 14 -10.33 -4.42 10.58
N GLY B 15 -10.48 -3.11 10.73
CA GLY B 15 -10.33 -2.22 9.64
C GLY B 15 -11.63 -1.98 8.92
N SER B 16 -11.51 -1.44 7.72
CA SER B 16 -12.70 -1.14 6.87
C SER B 16 -12.24 -0.79 5.47
N SER B 17 -13.19 -0.74 4.55
CA SER B 17 -12.88 -0.33 3.17
C SER B 17 -14.12 0.28 2.54
N VAL B 18 -13.89 1.10 1.51
CA VAL B 18 -14.93 1.56 0.67
C VAL B 18 -14.67 1.01 -0.72
N LYS B 19 -15.73 0.86 -1.49
CA LYS B 19 -15.64 0.25 -2.80
C LYS B 19 -15.69 1.32 -3.85
N LYS B 20 -14.71 1.24 -4.74
CA LYS B 20 -14.48 2.26 -5.81
C LYS B 20 -14.39 1.50 -7.13
N GLU B 21 -15.08 1.97 -8.13
CA GLU B 21 -15.09 1.33 -9.40
C GLU B 21 -13.88 1.80 -10.17
N GLU B 22 -13.14 0.87 -10.71
CA GLU B 22 -11.86 1.21 -11.37
C GLU B 22 -11.70 0.27 -12.61
N GLU B 23 -11.16 0.81 -13.68
CA GLU B 23 -10.82 -0.01 -14.82
C GLU B 23 -9.34 -0.37 -14.68
N VAL B 24 -9.04 -1.64 -14.96
CA VAL B 24 -7.70 -2.17 -15.01
C VAL B 24 -7.49 -3.00 -16.30
N LEU B 25 -6.22 -3.16 -16.67
CA LEU B 25 -5.86 -3.85 -17.86
C LEU B 25 -5.20 -5.13 -17.48
N THR B 26 -5.76 -6.24 -17.94
CA THR B 26 -5.10 -7.51 -17.67
C THR B 26 -3.75 -7.68 -18.44
N GLY B 27 -3.11 -8.79 -18.15
CA GLY B 27 -1.95 -9.25 -18.90
C GLY B 27 -2.15 -9.48 -20.40
N ASN B 28 -3.42 -9.56 -20.79
CA ASN B 28 -3.81 -9.58 -22.20
C ASN B 28 -4.40 -8.34 -22.69
N LEU B 29 -4.14 -7.22 -21.99
CA LEU B 29 -4.70 -5.90 -22.31
C LEU B 29 -6.27 -5.85 -22.50
N GLN B 30 -6.93 -6.76 -21.77
CA GLN B 30 -8.37 -6.70 -21.64
C GLN B 30 -8.71 -5.71 -20.55
N THR B 31 -9.70 -4.82 -20.82
CA THR B 31 -10.14 -3.93 -19.77
C THR B 31 -11.22 -4.61 -18.88
N LEU B 32 -11.03 -4.60 -17.61
CA LEU B 32 -12.05 -5.11 -16.61
C LEU B 32 -12.43 -3.94 -15.71
N LYS B 33 -13.71 -3.82 -15.41
CA LYS B 33 -14.22 -2.87 -14.45
C LYS B 33 -14.36 -3.62 -13.11
N ILE B 34 -13.54 -3.35 -12.15
CA ILE B 34 -13.50 -4.09 -10.86
C ILE B 34 -13.84 -3.10 -9.77
N ARG B 35 -14.57 -3.60 -8.74
CA ARG B 35 -14.86 -2.81 -7.55
C ARG B 35 -13.65 -3.03 -6.65
N VAL B 36 -12.81 -2.02 -6.57
CA VAL B 36 -11.63 -2.03 -5.72
C VAL B 36 -12.06 -1.73 -4.30
N HIS B 37 -11.50 -2.48 -3.35
CA HIS B 37 -11.63 -2.19 -1.92
C HIS B 37 -10.50 -1.28 -1.44
N GLU B 38 -10.82 -0.06 -1.08
CA GLU B 38 -9.85 0.88 -0.59
C GLU B 38 -9.88 0.95 0.89
N GLY B 39 -8.75 0.64 1.48
CA GLY B 39 -8.58 0.67 2.94
C GLY B 39 -7.84 -0.61 3.45
N TYR B 40 -7.46 -0.59 4.72
CA TYR B 40 -6.71 -1.64 5.40
C TYR B 40 -7.73 -2.49 6.15
N GLU B 41 -7.65 -3.81 5.90
CA GLU B 41 -8.56 -4.77 6.49
C GLU B 41 -7.82 -6.06 6.89
N GLU B 42 -8.33 -6.69 7.92
CA GLU B 42 -7.95 -8.00 8.36
C GLU B 42 -9.15 -8.91 8.30
N PHE B 43 -8.94 -10.09 7.77
CA PHE B 43 -9.99 -11.09 7.67
C PHE B 43 -9.54 -12.46 8.13
N THR B 44 -10.47 -13.25 8.64
CA THR B 44 -10.31 -14.66 8.75
C THR B 44 -11.06 -15.25 7.56
N MET B 45 -10.40 -16.18 6.86
CA MET B 45 -11.01 -16.88 5.74
C MET B 45 -11.24 -18.34 6.25
N VAL B 46 -12.46 -18.83 6.16
CA VAL B 46 -12.76 -20.17 6.53
C VAL B 46 -13.33 -20.98 5.37
N GLY B 47 -12.66 -22.05 4.99
CA GLY B 47 -13.06 -23.01 4.00
C GLY B 47 -13.30 -24.34 4.62
N ARG B 48 -13.72 -25.28 3.79
CA ARG B 48 -13.87 -26.67 4.17
C ARG B 48 -12.58 -27.39 4.58
N ARG B 49 -11.47 -27.04 3.89
CA ARG B 49 -10.23 -27.79 4.10
C ARG B 49 -9.03 -26.91 4.45
N ALA B 50 -9.34 -25.64 4.66
CA ALA B 50 -8.28 -24.69 5.00
C ALA B 50 -8.89 -23.47 5.65
N THR B 51 -8.06 -22.81 6.45
CA THR B 51 -8.41 -21.55 7.09
C THR B 51 -7.24 -20.67 6.89
N ALA B 52 -7.49 -19.38 6.85
CA ALA B 52 -6.42 -18.40 6.74
C ALA B 52 -6.70 -17.12 7.40
N ILE B 53 -5.63 -16.37 7.74
CA ILE B 53 -5.74 -14.97 8.13
C ILE B 53 -5.14 -14.17 7.00
N LEU B 54 -5.87 -13.14 6.57
CA LEU B 54 -5.38 -12.21 5.54
C LEU B 54 -5.40 -10.81 6.12
N ARG B 55 -4.30 -10.10 5.94
CA ARG B 55 -4.21 -8.68 6.12
C ARG B 55 -3.85 -8.04 4.79
N LYS B 56 -4.62 -7.04 4.46
CA LYS B 56 -4.45 -6.36 3.13
C LYS B 56 -4.75 -4.89 3.21
N ALA B 57 -4.18 -4.20 2.23
CA ALA B 57 -4.47 -2.79 2.05
C ALA B 57 -4.94 -2.65 0.59
N THR B 58 -5.13 -1.42 0.12
CA THR B 58 -5.65 -1.17 -1.21
C THR B 58 -4.77 -1.85 -2.25
N ARG B 59 -5.30 -2.85 -2.94
CA ARG B 59 -4.58 -3.54 -3.99
C ARG B 59 -3.22 -4.08 -3.54
N ARG B 60 -3.16 -4.51 -2.26
CA ARG B 60 -1.86 -5.02 -1.73
C ARG B 60 -2.11 -6.07 -0.69
N LEU B 61 -1.60 -7.26 -0.93
CA LEU B 61 -1.63 -8.29 0.17
C LEU B 61 -0.48 -7.99 1.08
N ILE B 62 -0.78 -7.88 2.36
CA ILE B 62 0.27 -7.67 3.38
C ILE B 62 0.76 -8.94 4.05
N GLN B 63 -0.19 -9.77 4.53
CA GLN B 63 0.16 -11.03 5.12
C GLN B 63 -0.96 -12.04 4.86
N LEU B 64 -0.59 -13.27 4.61
CA LEU B 64 -1.55 -14.39 4.52
C LEU B 64 -0.90 -15.54 5.28
N ILE B 65 -1.58 -16.06 6.31
CA ILE B 65 -1.14 -17.27 6.96
C ILE B 65 -2.19 -18.32 6.62
N VAL B 66 -1.77 -19.45 6.14
CA VAL B 66 -2.67 -20.51 5.75
C VAL B 66 -2.48 -21.80 6.53
N SER B 67 -3.56 -22.36 7.11
CA SER B 67 -3.54 -23.69 7.64
C SER B 67 -4.46 -24.55 6.86
N GLY B 68 -3.97 -25.65 6.31
CA GLY B 68 -4.78 -26.46 5.47
C GLY B 68 -4.48 -27.92 5.62
N ARG B 69 -5.38 -28.73 5.02
CA ARG B 69 -5.29 -30.19 5.20
C ARG B 69 -4.16 -30.83 4.41
N ASP B 70 -3.89 -30.29 3.25
CA ASP B 70 -2.88 -30.77 2.38
C ASP B 70 -2.47 -29.68 1.42
N GLU B 71 -1.55 -30.01 0.55
CA GLU B 71 -0.95 -29.01 -0.34
C GLU B 71 -2.00 -28.43 -1.30
N GLN B 72 -2.90 -29.26 -1.82
CA GLN B 72 -3.90 -28.74 -2.70
C GLN B 72 -4.87 -27.76 -2.01
N SER B 73 -5.25 -28.07 -0.76
CA SER B 73 -6.19 -27.25 0.00
C SER B 73 -5.48 -25.89 0.26
N ILE B 74 -4.21 -25.98 0.58
CA ILE B 74 -3.43 -24.74 0.86
C ILE B 74 -3.34 -23.89 -0.40
N ALA B 75 -2.98 -24.52 -1.51
CA ALA B 75 -2.87 -23.77 -2.78
C ALA B 75 -4.20 -23.06 -3.13
N GLU B 76 -5.34 -23.74 -2.91
CA GLU B 76 -6.66 -23.16 -3.23
C GLU B 76 -6.83 -21.85 -2.45
N ALA B 77 -6.49 -21.89 -1.18
CA ALA B 77 -6.65 -20.69 -0.36
C ALA B 77 -5.75 -19.57 -0.78
N ILE B 78 -4.50 -19.92 -1.16
CA ILE B 78 -3.54 -18.90 -1.57
C ILE B 78 -4.04 -18.19 -2.88
N ILE B 79 -4.54 -18.97 -3.82
CA ILE B 79 -5.11 -18.42 -5.09
C ILE B 79 -6.27 -17.51 -4.75
N VAL B 80 -7.19 -17.91 -3.91
CA VAL B 80 -8.33 -17.04 -3.59
C VAL B 80 -7.84 -15.75 -2.95
N ALA B 81 -6.89 -15.86 -1.98
CA ALA B 81 -6.34 -14.67 -1.37
C ALA B 81 -5.62 -13.74 -2.38
N MET B 82 -4.84 -14.31 -3.29
CA MET B 82 -4.15 -13.50 -4.27
C MET B 82 -5.11 -12.79 -5.22
N VAL B 83 -6.20 -13.47 -5.62
CA VAL B 83 -7.19 -12.80 -6.48
C VAL B 83 -7.91 -11.74 -5.66
N PHE B 84 -8.30 -12.10 -4.41
CA PHE B 84 -9.03 -11.09 -3.59
C PHE B 84 -8.21 -9.81 -3.29
N SER B 85 -6.87 -10.01 -3.20
CA SER B 85 -5.99 -8.89 -3.00
C SER B 85 -6.13 -7.82 -4.05
N GLN B 86 -6.52 -8.18 -5.25
CA GLN B 86 -6.60 -7.25 -6.35
C GLN B 86 -5.24 -6.70 -6.85
N GLU B 87 -4.16 -7.32 -6.42
CA GLU B 87 -2.85 -6.81 -6.76
C GLU B 87 -2.65 -6.75 -8.32
N ASP B 88 -1.90 -5.77 -8.72
CA ASP B 88 -1.49 -5.59 -10.13
C ASP B 88 -0.76 -6.79 -10.63
N CYS B 89 0.14 -7.45 -9.87
CA CYS B 89 0.81 -8.64 -10.43
C CYS B 89 -0.09 -9.72 -10.76
N MET B 90 -1.21 -9.78 -10.00
CA MET B 90 -2.24 -10.78 -10.29
C MET B 90 -2.99 -10.43 -11.58
N ILE B 91 -3.40 -9.23 -11.71
CA ILE B 91 -4.08 -8.77 -12.89
C ILE B 91 -3.20 -9.01 -14.15
N LYS B 92 -1.95 -8.66 -14.00
CA LYS B 92 -0.99 -8.83 -15.12
C LYS B 92 -0.55 -10.25 -15.47
N ALA B 93 -0.88 -11.20 -14.60
CA ALA B 93 -0.58 -12.53 -14.77
C ALA B 93 -1.61 -13.28 -15.57
N VAL B 94 -2.77 -12.66 -15.77
CA VAL B 94 -3.80 -13.25 -16.62
C VAL B 94 -3.19 -13.50 -18.01
N ARG B 95 -3.51 -14.64 -18.57
CA ARG B 95 -3.15 -14.93 -19.96
C ARG B 95 -4.37 -15.23 -20.77
N GLY B 96 -4.35 -14.76 -22.03
CA GLY B 96 -5.56 -14.82 -22.86
C GLY B 96 -6.67 -13.96 -22.39
N ASP B 97 -7.81 -14.05 -23.06
CA ASP B 97 -9.02 -13.33 -22.65
C ASP B 97 -9.85 -14.07 -21.66
N LEU B 98 -10.64 -13.33 -20.89
CA LEU B 98 -11.62 -13.86 -19.94
C LEU B 98 -13.02 -13.67 -20.57
N ASN B 99 -13.77 -14.76 -20.67
CA ASN B 99 -15.11 -14.68 -21.31
C ASN B 99 -16.09 -14.28 -20.24
N PHE B 100 -17.14 -13.61 -20.71
CA PHE B 100 -18.11 -13.04 -19.81
C PHE B 100 -19.14 -14.17 -19.73
N GLY B 101 -19.79 -14.25 -18.56
CA GLY B 101 -21.00 -14.88 -18.34
C GLY B 101 -22.00 -14.10 -17.49
N SER B 102 -23.29 -14.39 -17.73
CA SER B 102 -24.33 -14.12 -16.73
C SER B 102 -23.78 -14.85 -15.49
N GLY B 103 -23.89 -14.24 -14.36
CA GLY B 103 -23.35 -14.91 -13.14
C GLY B 103 -21.89 -14.71 -12.81
N LEU B 104 -21.14 -13.99 -13.65
CA LEU B 104 -19.75 -13.68 -13.38
C LEU B 104 -19.62 -12.14 -13.36
N ASN B 105 -18.92 -11.67 -12.35
CA ASN B 105 -18.38 -10.36 -12.40
C ASN B 105 -16.88 -10.56 -12.63
N PRO B 106 -16.18 -9.47 -12.85
CA PRO B 106 -14.75 -9.60 -13.11
C PRO B 106 -13.86 -10.31 -12.06
N MET B 107 -14.18 -10.10 -10.78
CA MET B 107 -13.48 -10.80 -9.69
C MET B 107 -13.65 -12.33 -9.77
N HIS B 108 -14.89 -12.76 -10.16
CA HIS B 108 -15.08 -14.17 -10.36
C HIS B 108 -14.48 -14.75 -11.64
N GLN B 109 -14.43 -13.97 -12.71
CA GLN B 109 -13.70 -14.37 -13.93
C GLN B 109 -12.23 -14.55 -13.61
N LEU B 110 -11.67 -13.62 -12.85
CA LEU B 110 -10.24 -13.77 -12.51
C LEU B 110 -10.01 -15.02 -11.70
N LEU B 111 -10.90 -15.24 -10.71
CA LEU B 111 -10.74 -16.44 -9.83
C LEU B 111 -10.77 -17.74 -10.65
N ARG B 112 -11.74 -17.83 -11.57
CA ARG B 112 -11.89 -19.04 -12.37
C ARG B 112 -10.68 -19.22 -13.27
N HIS B 113 -10.15 -18.12 -13.79
CA HIS B 113 -8.97 -18.23 -14.63
C HIS B 113 -7.78 -18.89 -13.85
N PHE B 114 -7.53 -18.37 -12.66
CA PHE B 114 -6.37 -18.81 -11.92
C PHE B 114 -6.56 -20.14 -11.24
N GLN B 115 -7.81 -20.52 -10.98
CA GLN B 115 -8.08 -21.89 -10.53
C GLN B 115 -7.84 -22.91 -11.59
N LYS B 116 -7.94 -22.54 -12.85
CA LYS B 116 -7.62 -23.48 -13.91
C LYS B 116 -6.09 -23.77 -13.94
N ASP B 117 -5.29 -22.74 -13.76
CA ASP B 117 -3.82 -22.87 -13.79
C ASP B 117 -3.19 -21.58 -13.23
N ALA B 118 -2.56 -21.75 -12.05
CA ALA B 118 -2.03 -20.64 -11.29
C ALA B 118 -0.52 -20.49 -11.50
N LYS B 119 0.10 -21.29 -12.46
CA LYS B 119 1.65 -21.21 -12.58
C LYS B 119 2.13 -19.76 -12.80
N VAL B 120 1.45 -19.03 -13.73
CA VAL B 120 1.91 -17.72 -14.08
C VAL B 120 1.65 -16.78 -12.92
N LEU B 121 0.54 -16.95 -12.22
CA LEU B 121 0.27 -16.12 -11.03
C LEU B 121 1.41 -16.31 -9.97
N PHE B 122 1.74 -17.56 -9.70
CA PHE B 122 2.71 -17.85 -8.65
C PHE B 122 4.11 -17.39 -9.11
N GLN B 123 4.40 -17.55 -10.41
CA GLN B 123 5.76 -17.16 -10.97
C GLN B 123 5.98 -15.69 -10.94
N ASN B 124 4.90 -14.90 -10.95
CA ASN B 124 5.06 -13.41 -10.96
C ASN B 124 4.73 -12.65 -9.67
N TRP B 125 4.39 -13.41 -8.64
CA TRP B 125 3.97 -12.81 -7.41
C TRP B 125 5.14 -12.19 -6.66
N GLY B 126 6.23 -12.94 -6.62
CA GLY B 126 7.46 -12.53 -5.83
C GLY B 126 7.73 -13.39 -4.61
N ILE B 127 9.04 -13.52 -4.34
CA ILE B 127 9.52 -14.31 -3.21
C ILE B 127 10.35 -13.46 -2.31
N GLU B 128 10.54 -13.98 -1.10
CA GLU B 128 11.34 -13.24 -0.10
C GLU B 128 11.92 -14.24 0.88
N SER B 129 13.01 -13.86 1.46
CA SER B 129 13.54 -14.61 2.53
C SER B 129 12.67 -14.48 3.80
N ILE B 130 12.69 -15.48 4.65
CA ILE B 130 11.82 -15.49 5.87
C ILE B 130 12.66 -15.74 7.10
N ASP B 131 12.11 -15.37 8.22
CA ASP B 131 12.66 -15.75 9.50
C ASP B 131 12.08 -17.05 9.99
N ASN B 132 12.72 -17.60 11.02
CA ASN B 132 12.25 -18.80 11.66
C ASN B 132 11.22 -18.42 12.66
N VAL B 133 10.00 -18.90 12.45
CA VAL B 133 8.90 -18.60 13.39
C VAL B 133 8.38 -20.00 13.79
N MET B 134 8.32 -20.32 15.10
CA MET B 134 7.83 -21.62 15.55
C MET B 134 6.40 -21.78 15.01
N GLY B 135 6.16 -22.94 14.43
CA GLY B 135 4.93 -23.36 13.87
C GLY B 135 4.60 -22.92 12.47
N MET B 136 5.51 -22.15 11.84
CA MET B 136 5.33 -21.62 10.52
C MET B 136 6.41 -22.08 9.55
N ILE B 137 6.04 -22.11 8.27
CA ILE B 137 6.99 -22.46 7.19
C ILE B 137 6.64 -21.63 5.97
N GLY B 138 7.60 -21.53 5.06
CA GLY B 138 7.39 -20.93 3.76
C GLY B 138 6.80 -21.84 2.74
N ILE B 139 6.35 -21.22 1.61
CA ILE B 139 5.86 -22.01 0.51
C ILE B 139 6.27 -21.28 -0.79
N LEU B 140 6.95 -22.03 -1.67
CA LEU B 140 7.53 -21.49 -2.87
C LEU B 140 6.56 -21.47 -4.00
N PRO B 141 6.91 -20.79 -5.13
CA PRO B 141 5.96 -20.70 -6.25
C PRO B 141 5.57 -22.04 -6.81
N ASP B 142 6.45 -23.07 -6.67
CA ASP B 142 6.13 -24.42 -7.15
C ASP B 142 5.34 -25.21 -6.13
N MET B 143 4.97 -24.58 -5.03
CA MET B 143 4.19 -25.15 -3.94
C MET B 143 4.98 -26.04 -2.97
N THR B 144 6.27 -26.12 -3.12
CA THR B 144 7.09 -26.93 -2.19
C THR B 144 7.34 -26.11 -0.91
N PRO B 145 7.46 -26.77 0.24
CA PRO B 145 7.78 -26.06 1.49
C PRO B 145 9.22 -25.62 1.58
N SER B 146 9.45 -24.45 2.18
CA SER B 146 10.79 -23.99 2.45
C SER B 146 10.90 -23.33 3.84
N THR B 147 11.95 -23.67 4.63
CA THR B 147 12.22 -22.92 5.85
C THR B 147 12.90 -21.59 5.65
N GLU B 148 13.36 -21.34 4.43
CA GLU B 148 14.21 -20.26 4.15
C GLU B 148 13.59 -19.11 3.34
N MET B 149 12.73 -19.43 2.41
CA MET B 149 12.20 -18.45 1.46
C MET B 149 10.65 -18.77 1.41
N SER B 150 9.88 -17.80 0.91
CA SER B 150 8.50 -18.05 0.62
C SER B 150 7.97 -17.04 -0.39
N LEU B 151 6.81 -17.34 -0.95
CA LEU B 151 6.02 -16.30 -1.64
C LEU B 151 5.80 -15.14 -0.79
N ARG B 152 5.98 -13.96 -1.38
CA ARG B 152 5.89 -12.67 -0.70
C ARG B 152 4.64 -12.51 0.16
N GLY B 153 4.85 -12.33 1.45
CA GLY B 153 3.71 -12.14 2.38
C GLY B 153 2.96 -13.37 2.80
N ILE B 154 3.34 -14.54 2.28
CA ILE B 154 2.57 -15.78 2.45
C ILE B 154 3.36 -16.71 3.39
N ARG B 155 2.68 -17.28 4.38
CA ARG B 155 3.26 -18.35 5.17
C ARG B 155 2.24 -19.42 5.41
N VAL B 156 2.72 -20.58 5.76
CA VAL B 156 1.89 -21.78 5.98
C VAL B 156 2.08 -22.26 7.44
N SER B 157 0.98 -22.46 8.17
CA SER B 157 1.05 -23.08 9.47
C SER B 157 1.44 -24.54 9.33
N LYS B 158 2.29 -24.99 10.21
CA LYS B 158 2.54 -26.42 10.25
C LYS B 158 1.42 -27.25 10.83
N MET B 159 0.43 -26.67 11.53
CA MET B 159 -0.72 -27.47 11.96
C MET B 159 -2.10 -26.94 11.40
C1 GOL C . -6.48 10.04 -12.35
O1 GOL C . -5.94 9.89 -11.03
C2 GOL C . -7.97 10.33 -12.22
O2 GOL C . -8.10 11.63 -11.62
C3 GOL C . -8.76 10.42 -13.52
O3 GOL C . -8.98 11.80 -13.85
H11 GOL C . -5.99 10.87 -12.85
H12 GOL C . -6.32 9.14 -12.94
HO1 GOL C . -4.95 9.75 -10.61
H2 GOL C . -8.43 9.57 -11.57
HO2 GOL C . -7.86 12.08 -11.51
H31 GOL C . -8.20 9.92 -14.32
H32 GOL C . -9.72 9.90 -13.40
HO3 GOL C . -8.11 12.21 -14.01
C1 GOL D . 14.27 12.88 -12.78
O1 GOL D . 15.36 13.29 -11.98
C2 GOL D . 14.31 11.50 -13.42
O2 GOL D . 14.67 10.41 -12.52
C3 GOL D . 12.90 11.28 -14.01
O3 GOL D . 12.63 9.87 -14.05
H11 GOL D . 13.39 12.89 -12.14
H12 GOL D . 14.16 13.61 -13.58
HO1 GOL D . 15.55 14.08 -11.41
H2 GOL D . 15.04 11.53 -14.24
HO2 GOL D . 14.35 10.36 -11.70
H31 GOL D . 12.14 11.69 -13.36
H32 GOL D . 12.80 11.73 -14.99
HO3 GOL D . 13.42 9.40 -14.40
C1 GOL E . 15.64 12.62 15.95
O1 GOL E . 15.32 13.96 16.29
C2 GOL E . 16.98 12.55 15.21
O2 GOL E . 18.04 13.34 15.80
C3 GOL E . 17.24 11.03 15.19
O3 GOL E . 18.49 10.52 14.78
H11 GOL E . 15.69 12.04 16.87
H12 GOL E . 14.83 12.18 15.35
HO1 GOL E . 14.56 14.12 16.41
H2 GOL E . 16.79 12.95 14.23
HO2 GOL E . 18.35 13.39 16.68
H31 GOL E . 17.09 10.65 16.18
H32 GOL E . 16.45 10.56 14.59
HO3 GOL E . 19.21 11.03 15.25
C1 GOL F . -9.76 -29.81 -2.41
O1 GOL F . -10.38 -28.62 -1.81
C2 GOL F . -8.40 -30.14 -1.64
O2 GOL F . -8.88 -30.88 -0.39
C3 GOL F . -7.76 -31.36 -2.36
O3 GOL F . -7.17 -32.53 -1.39
H11 GOL F . -10.43 -30.69 -2.31
H12 GOL F . -9.58 -29.65 -3.51
HO1 GOL F . -11.52 -28.20 -2.24
H2 GOL F . -7.69 -29.20 -1.50
HO2 GOL F . -9.97 -31.89 -0.73
H31 GOL F . -8.68 -31.76 -3.21
H32 GOL F . -6.83 -30.74 -3.00
HO3 GOL F . -7.96 -32.01 -0.23
#